data_6ZDW
#
_entry.id   6ZDW
#
_cell.length_a   75.910
_cell.length_b   80.759
_cell.length_c   83.783
_cell.angle_alpha   90.000
_cell.angle_beta   90.000
_cell.angle_gamma   90.000
#
_symmetry.space_group_name_H-M   'P 21 21 21'
#
loop_
_entity.id
_entity.type
_entity.pdbx_description
1 polymer 'DRBM domain-containing protein'
2 water water
#
_entity_poly.entity_id   1
_entity_poly.type   'polypeptide(L)'
_entity_poly.pdbx_seq_one_letter_code
;MTDTDTVEQFIHTIFARVTDDHGRPVDITAALPLLKQILTGYTQEVAEHKFNYIGESAVQFAMHLILADHFSKYENGCLS
AIAKKYTVPLQLYKLIGKQIHLKEYVRPVYLKETLDMIVGILFRCYGITAVYKFIQEEFILLVNQDINNANSPKKPSSPS
LSTNQADNPVKLLHELIQAKSGTLEAEAHETEDKKWEVKIVAKLNEKALPFSHARTNASKQKAKTEASRDILTYFTNYPD
VCQHLQVPVEGEVEIHVLPISENDYCHLFAET
;
_entity_poly.pdbx_strand_id   AAA,BBB
#
# COMPACT_ATOMS: atom_id res chain seq x y z
N ASP A 5 1.30 -5.33 -31.14
CA ASP A 5 1.57 -6.70 -31.67
C ASP A 5 1.23 -7.73 -30.56
N THR A 6 2.11 -8.73 -30.35
CA THR A 6 1.81 -9.97 -29.59
C THR A 6 1.60 -9.68 -28.10
N VAL A 7 1.05 -10.66 -27.39
CA VAL A 7 0.99 -10.70 -25.90
C VAL A 7 2.42 -10.66 -25.36
N GLU A 8 3.36 -11.35 -26.01
CA GLU A 8 4.77 -11.45 -25.56
C GLU A 8 5.42 -10.06 -25.56
N GLN A 9 5.11 -9.23 -26.56
CA GLN A 9 5.61 -7.84 -26.62
C GLN A 9 5.19 -7.08 -25.37
N PHE A 10 3.91 -7.14 -25.00
CA PHE A 10 3.38 -6.43 -23.80
C PHE A 10 4.07 -6.98 -22.55
N ILE A 11 4.20 -8.30 -22.45
CA ILE A 11 4.79 -8.97 -21.26
C ILE A 11 6.24 -8.50 -21.13
N HIS A 12 7.02 -8.53 -22.20
CA HIS A 12 8.44 -8.11 -22.13
C HIS A 12 8.53 -6.61 -21.82
N THR A 13 7.62 -5.78 -22.32
CA THR A 13 7.60 -4.32 -22.02
C THR A 13 7.34 -4.11 -20.52
N ILE A 14 6.41 -4.87 -19.96
CA ILE A 14 6.07 -4.81 -18.50
C ILE A 14 7.30 -5.24 -17.68
N PHE A 15 7.90 -6.40 -17.97
CA PHE A 15 9.01 -7.01 -17.18
C PHE A 15 10.26 -6.14 -17.26
N ALA A 16 10.56 -5.57 -18.42
CA ALA A 16 11.72 -4.66 -18.63
C ALA A 16 11.60 -3.43 -17.70
N ARG A 17 10.39 -3.10 -17.24
CA ARG A 17 10.20 -1.92 -16.33
C ARG A 17 10.60 -2.23 -14.88
N VAL A 18 10.61 -3.49 -14.46
CA VAL A 18 10.57 -3.87 -13.02
C VAL A 18 11.86 -4.58 -12.60
N THR A 19 12.90 -4.49 -13.41
CA THR A 19 14.29 -4.78 -12.99
C THR A 19 14.71 -3.71 -11.96
N GLY A 23 19.48 -3.18 -12.07
CA GLY A 23 19.12 -3.66 -13.41
C GLY A 23 19.05 -5.17 -13.51
N ARG A 24 18.99 -5.87 -12.36
CA ARG A 24 18.99 -7.37 -12.29
C ARG A 24 17.64 -7.87 -12.77
N PRO A 25 17.59 -8.89 -13.66
CA PRO A 25 16.31 -9.41 -14.15
C PRO A 25 15.47 -9.98 -13.00
N VAL A 26 14.14 -9.98 -13.17
CA VAL A 26 13.21 -10.70 -12.26
C VAL A 26 13.07 -12.13 -12.78
N ASP A 27 12.63 -13.04 -11.91
CA ASP A 27 12.16 -14.39 -12.30
C ASP A 27 10.73 -14.21 -12.81
N ILE A 28 10.49 -14.45 -14.10
CA ILE A 28 9.17 -14.23 -14.77
C ILE A 28 8.28 -15.46 -14.62
N THR A 29 8.80 -16.57 -14.07
CA THR A 29 8.09 -17.87 -13.94
C THR A 29 6.65 -17.62 -13.48
N ALA A 30 6.49 -16.98 -12.31
CA ALA A 30 5.18 -16.81 -11.63
C ALA A 30 4.28 -15.87 -12.44
N ALA A 31 4.79 -14.73 -12.89
CA ALA A 31 3.98 -13.63 -13.50
C ALA A 31 3.57 -13.98 -14.94
N LEU A 32 4.43 -14.69 -15.67
CA LEU A 32 4.24 -14.92 -17.13
C LEU A 32 2.85 -15.48 -17.43
N PRO A 33 2.40 -16.62 -16.84
CA PRO A 33 1.09 -17.19 -17.16
C PRO A 33 -0.10 -16.29 -16.75
N LEU A 34 0.05 -15.56 -15.64
CA LEU A 34 -0.98 -14.63 -15.12
C LEU A 34 -1.17 -13.46 -16.11
N LEU A 35 -0.07 -12.86 -16.55
CA LEU A 35 -0.11 -11.72 -17.51
C LEU A 35 -0.71 -12.20 -18.85
N LYS A 36 -0.38 -13.41 -19.29
CA LYS A 36 -0.93 -13.97 -20.55
C LYS A 36 -2.46 -14.05 -20.45
N GLN A 37 -3.00 -14.56 -19.34
CA GLN A 37 -4.46 -14.66 -19.14
C GLN A 37 -5.10 -13.27 -19.25
N ILE A 38 -4.61 -12.30 -18.49
CA ILE A 38 -5.34 -11.01 -18.33
C ILE A 38 -5.17 -10.19 -19.61
N LEU A 39 -4.06 -10.37 -20.34
CA LEU A 39 -3.75 -9.56 -21.56
C LEU A 39 -4.59 -10.04 -22.75
N THR A 40 -5.13 -11.27 -22.69
CA THR A 40 -6.11 -11.79 -23.67
C THR A 40 -7.53 -11.38 -23.26
N GLY A 41 -7.69 -10.89 -22.03
CA GLY A 41 -9.00 -10.55 -21.41
C GLY A 41 -9.57 -11.71 -20.62
N TYR A 42 -8.90 -12.86 -20.59
CA TYR A 42 -9.35 -14.08 -19.86
C TYR A 42 -9.13 -13.89 -18.35
N THR A 43 -9.96 -13.03 -17.74
CA THR A 43 -9.85 -12.53 -16.35
C THR A 43 -10.76 -13.34 -15.42
N GLN A 44 -11.60 -14.24 -15.97
CA GLN A 44 -12.56 -15.10 -15.23
C GLN A 44 -11.80 -16.12 -14.37
N GLU A 45 -10.71 -16.69 -14.88
CA GLU A 45 -9.86 -17.69 -14.17
C GLU A 45 -9.14 -17.06 -12.97
N VAL A 46 -8.92 -15.73 -12.98
CA VAL A 46 -8.11 -14.97 -11.96
C VAL A 46 -9.03 -14.15 -11.02
N ALA A 47 -10.36 -14.37 -11.06
CA ALA A 47 -11.39 -13.58 -10.34
C ALA A 47 -11.08 -13.56 -8.84
N GLU A 48 -10.85 -14.75 -8.26
CA GLU A 48 -10.67 -15.00 -6.80
C GLU A 48 -9.40 -14.31 -6.28
N HIS A 49 -8.42 -14.03 -7.16
CA HIS A 49 -7.12 -13.39 -6.78
C HIS A 49 -7.30 -11.88 -6.63
N LYS A 50 -8.40 -11.30 -7.13
CA LYS A 50 -8.78 -9.86 -6.95
C LYS A 50 -7.65 -8.94 -7.44
N PHE A 51 -7.03 -9.27 -8.56
CA PHE A 51 -5.81 -8.56 -9.03
C PHE A 51 -6.15 -7.09 -9.30
N ASN A 52 -7.32 -6.82 -9.88
CA ASN A 52 -7.75 -5.44 -10.23
C ASN A 52 -7.89 -4.63 -8.93
N TYR A 53 -8.57 -5.18 -7.92
CA TYR A 53 -8.82 -4.49 -6.63
C TYR A 53 -7.48 -4.19 -5.94
N ILE A 54 -6.62 -5.20 -5.83
CA ILE A 54 -5.28 -5.07 -5.20
C ILE A 54 -4.46 -4.06 -6.01
N GLY A 55 -4.50 -4.12 -7.34
CA GLY A 55 -3.71 -3.22 -8.21
C GLY A 55 -4.10 -1.77 -8.03
N GLU A 56 -5.40 -1.48 -8.01
CA GLU A 56 -5.93 -0.12 -7.79
C GLU A 56 -5.35 0.44 -6.48
N SER A 57 -5.39 -0.37 -5.41
CA SER A 57 -4.88 0.03 -4.07
C SER A 57 -3.35 0.17 -4.09
N ALA A 58 -2.66 -0.74 -4.77
CA ALA A 58 -1.18 -0.74 -4.85
C ALA A 58 -0.70 0.52 -5.57
N VAL A 59 -1.39 0.98 -6.61
CA VAL A 59 -1.02 2.22 -7.35
C VAL A 59 -1.09 3.40 -6.38
N GLN A 60 -2.16 3.50 -5.59
CA GLN A 60 -2.32 4.58 -4.58
C GLN A 60 -1.13 4.57 -3.62
N PHE A 61 -0.80 3.41 -3.07
CA PHE A 61 0.31 3.28 -2.08
C PHE A 61 1.65 3.64 -2.74
N ALA A 62 1.92 3.11 -3.93
CA ALA A 62 3.17 3.38 -4.67
C ALA A 62 3.32 4.88 -4.92
N MET A 63 2.24 5.59 -5.26
CA MET A 63 2.31 7.06 -5.49
C MET A 63 2.75 7.75 -4.20
N HIS A 64 2.20 7.35 -3.06
CA HIS A 64 2.56 7.93 -1.73
C HIS A 64 4.05 7.68 -1.45
N LEU A 65 4.54 6.47 -1.74
CA LEU A 65 5.97 6.12 -1.57
C LEU A 65 6.83 7.01 -2.48
N ILE A 66 6.41 7.19 -3.73
CA ILE A 66 7.19 8.03 -4.68
C ILE A 66 7.25 9.47 -4.15
N LEU A 67 6.13 10.02 -3.66
CA LEU A 67 6.06 11.39 -3.11
C LEU A 67 6.99 11.53 -1.89
N ALA A 68 6.96 10.58 -0.96
CA ALA A 68 7.80 10.55 0.25
C ALA A 68 9.29 10.46 -0.13
N ASP A 69 9.62 9.67 -1.15
CA ASP A 69 11.03 9.41 -1.58
C ASP A 69 11.58 10.60 -2.39
N HIS A 70 10.80 11.14 -3.31
CA HIS A 70 11.27 12.09 -4.35
C HIS A 70 10.89 13.55 -4.03
N PHE A 71 9.89 13.78 -3.17
CA PHE A 71 9.42 15.14 -2.80
C PHE A 71 9.49 15.29 -1.28
N SER A 72 10.52 14.73 -0.66
CA SER A 72 10.65 14.60 0.82
C SER A 72 10.83 15.97 1.47
N LYS A 73 11.33 16.97 0.74
CA LYS A 73 11.60 18.33 1.26
C LYS A 73 10.29 19.05 1.59
N TYR A 74 9.18 18.63 0.99
CA TYR A 74 7.86 19.29 1.11
C TYR A 74 7.11 18.81 2.36
N GLU A 75 6.38 19.72 2.99
CA GLU A 75 5.42 19.42 4.08
C GLU A 75 4.48 18.31 3.63
N ASN A 76 4.15 17.40 4.55
CA ASN A 76 3.20 16.29 4.31
C ASN A 76 1.90 16.88 3.73
N GLY A 77 1.49 18.04 4.23
CA GLY A 77 0.31 18.78 3.75
C GLY A 77 0.37 18.97 2.24
N CYS A 78 1.52 19.39 1.73
CA CYS A 78 1.76 19.63 0.27
C CYS A 78 1.70 18.28 -0.47
N LEU A 79 2.30 17.21 0.10
CA LEU A 79 2.27 15.86 -0.53
C LEU A 79 0.83 15.35 -0.58
N SER A 80 0.04 15.53 0.49
CA SER A 80 -1.38 15.11 0.57
C SER A 80 -2.21 15.85 -0.49
N ALA A 81 -1.96 17.14 -0.66
CA ALA A 81 -2.62 17.99 -1.68
C ALA A 81 -2.34 17.42 -3.07
N ILE A 82 -1.08 17.09 -3.38
CA ILE A 82 -0.68 16.48 -4.68
C ILE A 82 -1.38 15.13 -4.84
N ALA A 83 -1.28 14.25 -3.85
CA ALA A 83 -1.85 12.89 -3.90
C ALA A 83 -3.36 12.95 -4.17
N LYS A 84 -4.07 13.93 -3.60
CA LYS A 84 -5.56 14.04 -3.70
C LYS A 84 -5.97 14.18 -5.18
N LYS A 85 -5.13 14.80 -5.99
CA LYS A 85 -5.35 14.97 -7.46
C LYS A 85 -5.42 13.60 -8.16
N TYR A 86 -4.78 12.57 -7.60
CA TYR A 86 -4.56 11.25 -8.26
C TYR A 86 -5.40 10.15 -7.58
N THR A 87 -6.44 10.53 -6.85
CA THR A 87 -7.38 9.58 -6.19
C THR A 87 -7.94 8.61 -7.23
N VAL A 88 -8.30 9.12 -8.40
CA VAL A 88 -8.67 8.33 -9.59
C VAL A 88 -7.73 8.75 -10.71
N PRO A 89 -6.52 8.14 -10.79
CA PRO A 89 -5.42 8.69 -11.60
C PRO A 89 -5.51 8.36 -13.10
N LEU A 90 -6.57 8.83 -13.76
CA LEU A 90 -6.86 8.50 -15.18
C LEU A 90 -5.71 9.02 -16.06
N GLN A 91 -5.11 10.15 -15.74
CA GLN A 91 -4.01 10.72 -16.56
C GLN A 91 -2.78 9.81 -16.44
N LEU A 92 -2.51 9.26 -15.25
CA LEU A 92 -1.41 8.29 -15.05
C LEU A 92 -1.67 7.01 -15.88
N TYR A 93 -2.87 6.42 -15.76
CA TYR A 93 -3.27 5.20 -16.50
C TYR A 93 -3.09 5.44 -18.02
N LYS A 94 -3.55 6.58 -18.53
CA LYS A 94 -3.47 6.91 -19.97
C LYS A 94 -1.99 6.98 -20.40
N LEU A 95 -1.15 7.62 -19.60
CA LEU A 95 0.28 7.84 -19.94
C LEU A 95 1.00 6.48 -19.91
N ILE A 96 0.74 5.64 -18.91
CA ILE A 96 1.37 4.29 -18.82
C ILE A 96 0.89 3.44 -20.01
N GLY A 97 -0.42 3.45 -20.31
CA GLY A 97 -0.99 2.72 -21.45
C GLY A 97 -0.28 3.08 -22.74
N LYS A 98 -0.08 4.39 -22.97
CA LYS A 98 0.62 4.93 -24.17
C LYS A 98 2.04 4.38 -24.20
N GLN A 99 2.72 4.38 -23.06
CA GLN A 99 4.16 4.03 -22.95
C GLN A 99 4.37 2.52 -23.20
N ILE A 100 3.44 1.66 -22.82
CA ILE A 100 3.59 0.18 -23.02
C ILE A 100 2.83 -0.24 -24.29
N HIS A 101 2.33 0.74 -25.05
CA HIS A 101 1.72 0.57 -26.41
C HIS A 101 0.44 -0.26 -26.33
N LEU A 102 -0.34 -0.17 -25.26
CA LEU A 102 -1.69 -0.78 -25.24
C LEU A 102 -2.51 -0.13 -26.36
N LYS A 103 -3.23 -0.94 -27.14
CA LYS A 103 -4.10 -0.42 -28.22
C LYS A 103 -5.44 -0.01 -27.58
N GLU A 104 -6.26 0.71 -28.36
CA GLU A 104 -7.60 1.20 -27.94
C GLU A 104 -8.49 -0.02 -27.69
N TYR A 105 -9.16 -0.05 -26.55
CA TYR A 105 -10.11 -1.12 -26.18
C TYR A 105 -11.49 -0.75 -26.73
N VAL A 106 -12.39 -1.74 -26.79
CA VAL A 106 -13.77 -1.56 -27.31
C VAL A 106 -14.50 -0.52 -26.43
N ARG A 107 -14.17 -0.49 -25.13
CA ARG A 107 -14.67 0.51 -24.15
C ARG A 107 -13.50 0.94 -23.27
N PRO A 108 -13.42 2.24 -22.88
CA PRO A 108 -12.27 2.75 -22.13
C PRO A 108 -12.09 2.14 -20.73
N VAL A 109 -13.12 1.54 -20.16
CA VAL A 109 -13.04 0.92 -18.80
C VAL A 109 -11.93 -0.15 -18.79
N TYR A 110 -11.68 -0.81 -19.92
CA TYR A 110 -10.69 -1.92 -19.99
C TYR A 110 -9.25 -1.41 -19.85
N LEU A 111 -8.98 -0.12 -20.06
CA LEU A 111 -7.61 0.44 -19.90
C LEU A 111 -7.23 0.35 -18.41
N LYS A 112 -8.03 0.96 -17.56
CA LYS A 112 -7.79 0.94 -16.09
C LYS A 112 -7.85 -0.50 -15.58
N GLU A 113 -8.82 -1.31 -16.01
CA GLU A 113 -8.94 -2.73 -15.54
C GLU A 113 -7.64 -3.47 -15.88
N THR A 114 -7.17 -3.34 -17.12
CA THR A 114 -5.97 -4.05 -17.58
C THR A 114 -4.76 -3.60 -16.74
N LEU A 115 -4.56 -2.29 -16.60
CA LEU A 115 -3.39 -1.77 -15.86
C LEU A 115 -3.47 -2.13 -14.38
N ASP A 116 -4.66 -2.06 -13.78
CA ASP A 116 -4.85 -2.49 -12.36
C ASP A 116 -4.50 -3.99 -12.22
N MET A 117 -4.95 -4.83 -13.14
CA MET A 117 -4.67 -6.28 -13.07
C MET A 117 -3.17 -6.53 -13.23
N ILE A 118 -2.50 -5.85 -14.16
CA ILE A 118 -1.02 -5.92 -14.32
C ILE A 118 -0.36 -5.57 -12.99
N VAL A 119 -0.78 -4.47 -12.38
CA VAL A 119 -0.16 -3.97 -11.11
C VAL A 119 -0.44 -4.99 -10.00
N GLY A 120 -1.64 -5.56 -9.92
CA GLY A 120 -1.96 -6.58 -8.90
C GLY A 120 -1.06 -7.79 -9.04
N ILE A 121 -0.82 -8.25 -10.27
CA ILE A 121 0.06 -9.42 -10.56
C ILE A 121 1.49 -9.06 -10.17
N LEU A 122 1.98 -7.88 -10.56
CA LEU A 122 3.35 -7.42 -10.20
C LEU A 122 3.49 -7.37 -8.68
N PHE A 123 2.50 -6.84 -7.97
CA PHE A 123 2.55 -6.78 -6.50
C PHE A 123 2.61 -8.21 -5.90
N ARG A 124 1.74 -9.11 -6.36
CA ARG A 124 1.66 -10.48 -5.78
C ARG A 124 2.97 -11.23 -6.07
N CYS A 125 3.58 -11.01 -7.23
CA CYS A 125 4.79 -11.77 -7.65
C CYS A 125 6.08 -11.14 -7.10
N TYR A 126 6.17 -9.81 -7.04
CA TYR A 126 7.44 -9.08 -6.80
C TYR A 126 7.35 -8.08 -5.65
N GLY A 127 6.16 -7.82 -5.12
CA GLY A 127 5.96 -6.82 -4.06
C GLY A 127 5.83 -5.40 -4.58
N ILE A 128 5.74 -4.45 -3.66
CA ILE A 128 5.41 -3.03 -4.00
C ILE A 128 6.56 -2.39 -4.80
N THR A 129 7.81 -2.81 -4.68
CA THR A 129 8.93 -2.16 -5.42
C THR A 129 8.67 -2.27 -6.92
N ALA A 130 8.09 -3.38 -7.39
CA ALA A 130 7.78 -3.62 -8.82
C ALA A 130 6.72 -2.61 -9.27
N VAL A 131 5.69 -2.38 -8.44
CA VAL A 131 4.61 -1.41 -8.73
C VAL A 131 5.21 -0.01 -8.82
N TYR A 132 6.02 0.35 -7.84
CA TYR A 132 6.74 1.65 -7.76
C TYR A 132 7.50 1.86 -9.09
N LYS A 133 8.31 0.88 -9.48
CA LYS A 133 9.17 0.99 -10.69
C LYS A 133 8.28 1.07 -11.93
N PHE A 134 7.17 0.34 -11.95
CA PHE A 134 6.24 0.29 -13.11
C PHE A 134 5.63 1.67 -13.38
N ILE A 135 5.30 2.45 -12.34
CA ILE A 135 4.57 3.74 -12.51
C ILE A 135 5.49 4.95 -12.37
N GLN A 136 6.72 4.81 -11.86
CA GLN A 136 7.42 5.99 -11.27
C GLN A 136 7.72 7.03 -12.35
N GLU A 137 8.20 6.64 -13.54
CA GLU A 137 8.61 7.65 -14.55
C GLU A 137 7.42 8.54 -14.91
N GLU A 138 6.27 7.95 -15.24
CA GLU A 138 5.05 8.68 -15.66
C GLU A 138 4.50 9.51 -14.49
N PHE A 139 4.48 8.96 -13.28
CA PHE A 139 3.93 9.65 -12.10
C PHE A 139 4.80 10.87 -11.76
N ILE A 140 6.12 10.70 -11.73
CA ILE A 140 7.08 11.79 -11.36
C ILE A 140 6.97 12.91 -12.39
N LEU A 141 6.77 12.56 -13.66
CA LEU A 141 6.58 13.55 -14.76
C LEU A 141 5.32 14.38 -14.50
N LEU A 142 4.20 13.73 -14.18
CA LEU A 142 2.90 14.40 -13.92
C LEU A 142 3.01 15.31 -12.67
N VAL A 143 3.65 14.82 -11.61
CA VAL A 143 3.80 15.56 -10.32
C VAL A 143 4.67 16.79 -10.57
N ASN A 144 5.73 16.66 -11.37
CA ASN A 144 6.62 17.80 -11.75
C ASN A 144 5.81 18.85 -12.55
N GLN A 145 4.88 18.41 -13.42
CA GLN A 145 3.97 19.31 -14.17
C GLN A 145 3.07 20.07 -13.18
N ASP A 146 2.48 19.36 -12.21
CA ASP A 146 1.68 19.97 -11.12
C ASP A 146 2.53 21.01 -10.38
N ILE A 147 3.74 20.60 -9.95
CA ILE A 147 4.70 21.42 -9.17
C ILE A 147 5.11 22.66 -9.99
N ASN A 148 5.35 22.48 -11.29
CA ASN A 148 5.75 23.59 -12.22
C ASN A 148 4.52 24.46 -12.54
N ASN A 149 3.40 23.84 -12.92
CA ASN A 149 2.14 24.52 -13.31
C ASN A 149 1.29 24.75 -12.05
N THR B 4 10.06 3.81 31.36
CA THR B 4 11.09 3.01 30.63
C THR B 4 10.70 1.54 30.59
N ASP B 5 10.34 0.95 31.74
CA ASP B 5 9.68 -0.39 31.78
C ASP B 5 8.46 -0.35 30.87
N THR B 6 7.61 0.68 31.02
CA THR B 6 6.36 0.86 30.25
C THR B 6 6.71 0.95 28.76
N VAL B 7 7.75 1.72 28.41
CA VAL B 7 8.20 1.91 26.99
C VAL B 7 8.73 0.58 26.46
N GLU B 8 9.59 -0.10 27.20
CA GLU B 8 10.17 -1.41 26.76
C GLU B 8 9.02 -2.41 26.56
N GLN B 9 8.07 -2.45 27.49
CA GLN B 9 6.89 -3.36 27.39
C GLN B 9 6.10 -3.00 26.13
N PHE B 10 5.87 -1.71 25.91
CA PHE B 10 5.10 -1.20 24.76
C PHE B 10 5.77 -1.68 23.46
N ILE B 11 7.07 -1.50 23.37
CA ILE B 11 7.86 -1.90 22.17
C ILE B 11 7.75 -3.42 22.00
N HIS B 12 7.85 -4.20 23.08
CA HIS B 12 7.70 -5.68 22.99
C HIS B 12 6.30 -6.00 22.43
N THR B 13 5.26 -5.33 22.92
CA THR B 13 3.87 -5.55 22.45
C THR B 13 3.79 -5.34 20.93
N ILE B 14 4.49 -4.34 20.41
CA ILE B 14 4.52 -4.03 18.94
C ILE B 14 5.19 -5.22 18.22
N PHE B 15 6.39 -5.60 18.65
CA PHE B 15 7.17 -6.69 17.98
C PHE B 15 6.41 -8.02 18.06
N ALA B 16 5.69 -8.28 19.15
CA ALA B 16 4.90 -9.54 19.33
C ALA B 16 3.90 -9.72 18.17
N ARG B 17 3.44 -8.65 17.54
CA ARG B 17 2.45 -8.71 16.42
C ARG B 17 3.11 -8.97 15.06
N VAL B 18 4.42 -8.82 14.97
CA VAL B 18 5.13 -8.77 13.66
C VAL B 18 5.98 -10.04 13.49
N THR B 19 5.63 -10.86 12.50
CA THR B 19 6.39 -12.09 12.15
C THR B 19 6.72 -12.04 10.67
N ASP B 20 7.69 -12.86 10.27
CA ASP B 20 8.06 -13.07 8.84
C ASP B 20 7.07 -14.04 8.19
N ASP B 21 7.32 -14.41 6.94
CA ASP B 21 6.40 -15.19 6.08
C ASP B 21 6.28 -16.63 6.60
N HIS B 22 7.26 -17.07 7.41
CA HIS B 22 7.27 -18.40 8.08
C HIS B 22 6.81 -18.27 9.54
N GLY B 23 6.29 -17.09 9.93
CA GLY B 23 5.66 -16.85 11.25
C GLY B 23 6.70 -16.82 12.36
N ARG B 24 7.97 -16.61 12.00
CA ARG B 24 9.09 -16.47 12.96
C ARG B 24 9.22 -15.00 13.33
N PRO B 25 9.76 -14.68 14.53
CA PRO B 25 10.02 -13.29 14.89
C PRO B 25 10.80 -12.57 13.78
N VAL B 26 10.54 -11.27 13.57
CA VAL B 26 11.38 -10.43 12.66
C VAL B 26 12.65 -10.04 13.41
N ASP B 27 13.67 -9.61 12.66
CA ASP B 27 14.91 -9.01 13.22
C ASP B 27 14.57 -7.61 13.73
N ILE B 28 14.63 -7.41 15.04
CA ILE B 28 14.18 -6.13 15.68
C ILE B 28 15.29 -5.08 15.58
N THR B 29 16.45 -5.42 15.01
CA THR B 29 17.67 -4.56 15.00
C THR B 29 17.33 -3.16 14.47
N ALA B 30 16.72 -3.06 13.29
CA ALA B 30 16.49 -1.78 12.57
C ALA B 30 15.38 -0.98 13.25
N ALA B 31 14.27 -1.65 13.57
CA ALA B 31 13.05 -1.01 14.09
C ALA B 31 13.30 -0.46 15.51
N LEU B 32 14.06 -1.17 16.35
CA LEU B 32 14.14 -0.82 17.80
C LEU B 32 14.57 0.63 18.01
N PRO B 33 15.73 1.09 17.49
CA PRO B 33 16.15 2.48 17.73
C PRO B 33 15.18 3.52 17.17
N LEU B 34 14.52 3.21 16.05
CA LEU B 34 13.53 4.12 15.41
C LEU B 34 12.32 4.27 16.34
N LEU B 35 11.79 3.16 16.85
CA LEU B 35 10.66 3.18 17.82
C LEU B 35 11.08 3.92 19.09
N LYS B 36 12.29 3.66 19.61
CA LYS B 36 12.79 4.35 20.83
C LYS B 36 12.80 5.87 20.59
N GLN B 37 13.26 6.31 19.43
CA GLN B 37 13.34 7.75 19.10
C GLN B 37 11.94 8.36 19.13
N ILE B 38 10.96 7.76 18.45
CA ILE B 38 9.62 8.42 18.30
C ILE B 38 8.85 8.31 19.63
N LEU B 39 9.15 7.31 20.47
CA LEU B 39 8.38 7.07 21.72
C LEU B 39 8.99 7.82 22.90
N THR B 40 10.28 8.16 22.88
CA THR B 40 11.00 8.73 24.05
C THR B 40 11.67 10.08 23.73
N GLY B 41 11.89 10.40 22.45
CA GLY B 41 12.56 11.64 22.01
C GLY B 41 11.69 12.85 22.27
N TYR B 42 12.29 13.91 22.83
CA TYR B 42 11.61 15.20 23.10
C TYR B 42 11.66 16.09 21.85
N THR B 43 12.34 15.65 20.80
CA THR B 43 12.55 16.41 19.53
C THR B 43 12.25 15.48 18.35
N GLN B 44 11.96 16.05 17.18
CA GLN B 44 11.81 15.28 15.92
C GLN B 44 13.21 15.02 15.38
N GLU B 45 13.68 13.77 15.40
CA GLU B 45 15.02 13.37 14.87
C GLU B 45 14.88 12.53 13.59
N VAL B 46 13.66 12.17 13.17
CA VAL B 46 13.41 11.27 12.00
C VAL B 46 12.28 11.82 11.10
N ALA B 47 12.13 13.15 11.07
CA ALA B 47 11.17 13.88 10.19
C ALA B 47 11.46 13.54 8.71
N GLU B 48 12.74 13.50 8.34
CA GLU B 48 13.17 13.28 6.93
C GLU B 48 12.63 11.92 6.43
N HIS B 49 12.37 10.97 7.34
CA HIS B 49 11.94 9.58 7.00
C HIS B 49 10.43 9.52 6.69
N LYS B 50 9.65 10.58 7.00
CA LYS B 50 8.21 10.69 6.63
C LYS B 50 7.44 9.45 7.11
N PHE B 51 7.77 8.92 8.27
CA PHE B 51 7.18 7.65 8.76
C PHE B 51 5.66 7.78 8.87
N ASN B 52 5.17 8.92 9.38
CA ASN B 52 3.71 9.13 9.61
C ASN B 52 3.00 9.16 8.25
N TYR B 53 3.56 9.86 7.27
CA TYR B 53 2.96 9.98 5.91
C TYR B 53 2.86 8.58 5.27
N ILE B 54 3.95 7.82 5.29
CA ILE B 54 4.02 6.45 4.71
C ILE B 54 3.09 5.52 5.50
N GLY B 55 3.09 5.63 6.84
CA GLY B 55 2.23 4.80 7.70
C GLY B 55 0.75 4.97 7.39
N GLU B 56 0.31 6.21 7.24
CA GLU B 56 -1.09 6.56 6.89
C GLU B 56 -1.47 5.82 5.61
N SER B 57 -0.61 5.86 4.59
CA SER B 57 -0.84 5.23 3.27
C SER B 57 -0.77 3.70 3.40
N ALA B 58 0.21 3.19 4.16
CA ALA B 58 0.43 1.73 4.33
C ALA B 58 -0.78 1.09 5.01
N VAL B 59 -1.41 1.75 5.99
CA VAL B 59 -2.62 1.21 6.67
C VAL B 59 -3.74 1.06 5.63
N GLN B 60 -3.92 2.05 4.75
CA GLN B 60 -4.96 2.00 3.69
C GLN B 60 -4.71 0.76 2.81
N PHE B 61 -3.47 0.59 2.34
CA PHE B 61 -3.12 -0.55 1.44
C PHE B 61 -3.34 -1.88 2.17
N ALA B 62 -2.88 -2.00 3.41
CA ALA B 62 -3.01 -3.23 4.23
C ALA B 62 -4.49 -3.60 4.40
N MET B 63 -5.36 -2.62 4.64
CA MET B 63 -6.82 -2.88 4.79
C MET B 63 -7.37 -3.46 3.48
N HIS B 64 -6.94 -2.94 2.33
CA HIS B 64 -7.39 -3.44 1.00
C HIS B 64 -6.91 -4.89 0.81
N LEU B 65 -5.67 -5.22 1.19
CA LEU B 65 -5.15 -6.60 1.10
C LEU B 65 -5.98 -7.52 2.01
N ILE B 66 -6.27 -7.10 3.24
CA ILE B 66 -7.08 -7.92 4.20
C ILE B 66 -8.46 -8.18 3.58
N LEU B 67 -9.12 -7.15 3.04
CA LEU B 67 -10.43 -7.31 2.37
C LEU B 67 -10.33 -8.30 1.20
N ALA B 68 -9.33 -8.15 0.34
CA ALA B 68 -9.15 -9.03 -0.84
C ALA B 68 -8.92 -10.47 -0.36
N ASP B 69 -8.17 -10.66 0.72
CA ASP B 69 -7.78 -12.01 1.22
C ASP B 69 -8.96 -12.69 1.91
N HIS B 70 -9.70 -11.96 2.74
CA HIS B 70 -10.68 -12.52 3.71
C HIS B 70 -12.10 -12.40 3.18
N PHE B 71 -12.36 -11.52 2.23
CA PHE B 71 -13.73 -11.17 1.78
C PHE B 71 -13.78 -11.23 0.25
N SER B 72 -13.08 -12.22 -0.33
CA SER B 72 -12.81 -12.33 -1.80
C SER B 72 -14.08 -12.71 -2.58
N LYS B 73 -15.10 -13.28 -1.93
CA LYS B 73 -16.36 -13.71 -2.60
C LYS B 73 -17.22 -12.48 -2.95
N TYR B 74 -16.94 -11.34 -2.33
CA TYR B 74 -17.71 -10.08 -2.48
C TYR B 74 -17.22 -9.28 -3.69
N GLU B 75 -18.17 -8.65 -4.40
CA GLU B 75 -17.93 -7.60 -5.43
C GLU B 75 -16.91 -6.57 -4.92
N ASN B 76 -16.00 -6.13 -5.80
CA ASN B 76 -15.02 -5.07 -5.50
C ASN B 76 -15.74 -3.83 -4.95
N GLY B 77 -16.87 -3.45 -5.55
CA GLY B 77 -17.66 -2.27 -5.16
C GLY B 77 -18.11 -2.36 -3.72
N CYS B 78 -18.40 -3.58 -3.26
CA CYS B 78 -18.79 -3.88 -1.87
C CYS B 78 -17.57 -3.77 -0.94
N LEU B 79 -16.42 -4.31 -1.34
CA LEU B 79 -15.15 -4.15 -0.57
C LEU B 79 -14.79 -2.66 -0.48
N SER B 80 -14.95 -1.91 -1.57
CA SER B 80 -14.69 -0.44 -1.59
C SER B 80 -15.62 0.29 -0.63
N ALA B 81 -16.90 -0.11 -0.58
CA ALA B 81 -17.91 0.46 0.33
C ALA B 81 -17.42 0.29 1.77
N ILE B 82 -16.98 -0.93 2.11
CA ILE B 82 -16.47 -1.27 3.47
C ILE B 82 -15.26 -0.37 3.78
N ALA B 83 -14.28 -0.35 2.87
CA ALA B 83 -12.99 0.39 3.01
C ALA B 83 -13.26 1.88 3.23
N LYS B 84 -14.27 2.43 2.54
CA LYS B 84 -14.58 3.88 2.58
C LYS B 84 -14.88 4.29 4.02
N LYS B 85 -15.42 3.39 4.84
CA LYS B 85 -15.73 3.68 6.28
C LYS B 85 -14.43 3.95 7.04
N TYR B 86 -13.27 3.53 6.51
CA TYR B 86 -11.95 3.56 7.20
C TYR B 86 -10.95 4.45 6.46
N THR B 87 -11.39 5.40 5.62
CA THR B 87 -10.47 6.33 4.92
C THR B 87 -9.75 7.18 5.98
N VAL B 88 -10.42 7.48 7.09
CA VAL B 88 -9.77 7.96 8.35
C VAL B 88 -10.05 6.91 9.41
N PRO B 89 -9.10 5.97 9.65
CA PRO B 89 -9.37 4.79 10.46
C PRO B 89 -9.23 4.97 11.98
N LEU B 90 -9.89 5.99 12.53
CA LEU B 90 -9.82 6.32 13.98
C LEU B 90 -10.41 5.18 14.81
N GLN B 91 -11.48 4.53 14.34
CA GLN B 91 -12.12 3.40 15.05
C GLN B 91 -11.12 2.23 15.14
N LEU B 92 -10.41 1.93 14.06
CA LEU B 92 -9.37 0.86 14.02
C LEU B 92 -8.24 1.21 15.01
N TYR B 93 -7.76 2.44 14.95
CA TYR B 93 -6.64 2.95 15.78
C TYR B 93 -7.03 2.93 17.26
N LYS B 94 -8.27 3.31 17.59
CA LYS B 94 -8.75 3.30 19.00
C LYS B 94 -8.70 1.86 19.52
N LEU B 95 -9.14 0.89 18.71
CA LEU B 95 -9.19 -0.55 19.06
C LEU B 95 -7.76 -1.11 19.20
N ILE B 96 -6.87 -0.79 18.27
CA ILE B 96 -5.44 -1.20 18.37
C ILE B 96 -4.81 -0.57 19.62
N GLY B 97 -4.96 0.75 19.83
CA GLY B 97 -4.45 1.45 21.02
C GLY B 97 -4.86 0.76 22.31
N LYS B 98 -6.14 0.38 22.42
CA LYS B 98 -6.69 -0.35 23.59
C LYS B 98 -5.92 -1.67 23.74
N GLN B 99 -5.73 -2.42 22.66
CA GLN B 99 -5.11 -3.77 22.68
C GLN B 99 -3.63 -3.67 23.08
N ILE B 100 -2.91 -2.62 22.69
CA ILE B 100 -1.45 -2.51 22.96
C ILE B 100 -1.18 -1.63 24.19
N HIS B 101 -2.23 -1.31 24.96
CA HIS B 101 -2.16 -0.54 26.23
C HIS B 101 -1.48 0.81 25.98
N LEU B 102 -1.81 1.45 24.86
CA LEU B 102 -1.49 2.87 24.61
C LEU B 102 -2.33 3.70 25.58
N LYS B 103 -1.88 4.92 25.94
CA LYS B 103 -2.58 5.82 26.90
C LYS B 103 -4.09 5.79 26.60
N GLU B 104 -4.92 5.65 27.65
CA GLU B 104 -6.39 5.40 27.57
C GLU B 104 -7.12 6.65 27.05
N TYR B 105 -6.73 7.85 27.50
CA TYR B 105 -7.42 9.15 27.26
C TYR B 105 -6.63 10.02 26.27
N VAL B 106 -6.15 9.42 25.17
CA VAL B 106 -5.29 10.06 24.13
C VAL B 106 -6.16 10.71 23.05
N ARG B 107 -5.95 12.01 22.82
CA ARG B 107 -6.58 12.86 21.75
C ARG B 107 -6.46 12.14 20.41
N PRO B 108 -7.52 12.15 19.57
CA PRO B 108 -7.56 11.36 18.34
C PRO B 108 -6.40 11.65 17.36
N VAL B 109 -6.08 12.93 17.16
CA VAL B 109 -5.01 13.39 16.22
C VAL B 109 -3.66 12.82 16.65
N TYR B 110 -3.36 12.80 17.95
CA TYR B 110 -2.07 12.28 18.49
C TYR B 110 -2.07 10.75 18.43
N LEU B 111 -3.22 10.12 18.70
CA LEU B 111 -3.39 8.65 18.56
C LEU B 111 -3.06 8.26 17.13
N LYS B 112 -3.69 8.95 16.17
CA LYS B 112 -3.52 8.69 14.72
C LYS B 112 -2.06 8.89 14.32
N GLU B 113 -1.47 10.02 14.70
CA GLU B 113 -0.07 10.34 14.30
C GLU B 113 0.89 9.29 14.88
N THR B 114 0.70 8.92 16.14
CA THR B 114 1.57 7.94 16.85
C THR B 114 1.49 6.58 16.15
N LEU B 115 0.28 6.07 15.88
CA LEU B 115 0.09 4.75 15.24
C LEU B 115 0.57 4.82 13.78
N ASP B 116 0.30 5.92 13.07
CA ASP B 116 0.82 6.11 11.68
C ASP B 116 2.34 6.01 11.70
N MET B 117 3.01 6.62 12.67
CA MET B 117 4.49 6.61 12.72
C MET B 117 5.00 5.19 12.99
N ILE B 118 4.37 4.48 13.92
CA ILE B 118 4.75 3.07 14.24
C ILE B 118 4.59 2.22 12.96
N VAL B 119 3.47 2.37 12.27
CA VAL B 119 3.16 1.60 11.04
C VAL B 119 4.21 1.92 9.96
N GLY B 120 4.57 3.19 9.80
CA GLY B 120 5.58 3.63 8.82
C GLY B 120 6.92 2.98 9.09
N ILE B 121 7.34 2.95 10.35
CA ILE B 121 8.62 2.30 10.76
C ILE B 121 8.53 0.81 10.43
N LEU B 122 7.45 0.14 10.80
CA LEU B 122 7.27 -1.32 10.53
C LEU B 122 7.32 -1.56 9.02
N PHE B 123 6.67 -0.70 8.23
CA PHE B 123 6.69 -0.81 6.75
C PHE B 123 8.13 -0.70 6.24
N ARG B 124 8.86 0.34 6.64
CA ARG B 124 10.21 0.62 6.13
C ARG B 124 11.18 -0.51 6.51
N CYS B 125 10.98 -1.13 7.69
CA CYS B 125 11.88 -2.18 8.21
C CYS B 125 11.50 -3.56 7.63
N TYR B 126 10.22 -3.87 7.46
CA TYR B 126 9.71 -5.25 7.29
C TYR B 126 8.77 -5.40 6.09
N GLY B 127 8.34 -4.29 5.48
CA GLY B 127 7.38 -4.31 4.35
C GLY B 127 5.94 -4.44 4.81
N ILE B 128 5.04 -4.59 3.85
CA ILE B 128 3.58 -4.45 4.08
C ILE B 128 3.04 -5.61 4.93
N THR B 129 3.67 -6.78 4.96
CA THR B 129 3.14 -7.93 5.75
C THR B 129 3.14 -7.57 7.23
N ALA B 130 4.11 -6.76 7.68
CA ALA B 130 4.22 -6.32 9.09
C ALA B 130 3.03 -5.42 9.42
N VAL B 131 2.65 -4.54 8.48
CA VAL B 131 1.51 -3.61 8.67
C VAL B 131 0.21 -4.43 8.71
N TYR B 132 0.06 -5.35 7.75
CA TYR B 132 -1.08 -6.29 7.65
C TYR B 132 -1.24 -7.00 9.00
N LYS B 133 -0.17 -7.61 9.50
CA LYS B 133 -0.21 -8.39 10.76
C LYS B 133 -0.49 -7.47 11.95
N PHE B 134 0.04 -6.24 11.94
CA PHE B 134 -0.14 -5.25 13.03
C PHE B 134 -1.64 -4.92 13.19
N ILE B 135 -2.40 -4.82 12.10
CA ILE B 135 -3.81 -4.30 12.13
C ILE B 135 -4.85 -5.42 11.98
N GLN B 136 -4.48 -6.63 11.53
CA GLN B 136 -5.49 -7.55 10.92
C GLN B 136 -6.53 -8.01 11.93
N GLU B 137 -6.15 -8.31 13.18
CA GLU B 137 -7.11 -8.89 14.16
C GLU B 137 -8.24 -7.88 14.40
N GLU B 138 -7.89 -6.63 14.69
CA GLU B 138 -8.85 -5.55 15.04
C GLU B 138 -9.64 -5.17 13.79
N PHE B 139 -8.99 -5.13 12.63
CA PHE B 139 -9.65 -4.72 11.36
C PHE B 139 -10.70 -5.76 10.97
N ILE B 140 -10.34 -7.05 11.01
CA ILE B 140 -11.26 -8.17 10.65
C ILE B 140 -12.44 -8.16 11.62
N LEU B 141 -12.20 -7.87 12.91
CA LEU B 141 -13.28 -7.77 13.93
C LEU B 141 -14.25 -6.68 13.51
N LEU B 142 -13.76 -5.49 13.19
CA LEU B 142 -14.58 -4.31 12.82
C LEU B 142 -15.37 -4.63 11.53
N VAL B 143 -14.71 -5.15 10.50
CA VAL B 143 -15.37 -5.47 9.21
C VAL B 143 -16.51 -6.48 9.45
N ASN B 144 -16.29 -7.51 10.26
CA ASN B 144 -17.30 -8.56 10.56
C ASN B 144 -18.51 -7.90 11.25
N GLN B 145 -18.27 -6.92 12.13
CA GLN B 145 -19.34 -6.13 12.79
C GLN B 145 -20.08 -5.31 11.73
N ASP B 146 -19.35 -4.65 10.81
CA ASP B 146 -19.93 -3.87 9.68
C ASP B 146 -20.90 -4.74 8.90
N ILE B 147 -20.51 -5.98 8.58
CA ILE B 147 -21.29 -6.92 7.74
C ILE B 147 -22.48 -7.46 8.54
N ASN B 148 -22.37 -7.54 9.87
CA ASN B 148 -23.49 -7.93 10.78
C ASN B 148 -24.52 -6.79 10.86
N ASN B 149 -24.14 -5.57 10.46
CA ASN B 149 -24.93 -4.32 10.59
C ASN B 149 -24.91 -3.88 12.07
#